data_7FGK
#
_entry.id   7FGK
#
_cell.length_a   180.140
_cell.length_b   70.780
_cell.length_c   41.550
_cell.angle_alpha   90.00
_cell.angle_beta   93.55
_cell.angle_gamma   90.00
#
_symmetry.space_group_name_H-M   'C 1 2 1'
#
loop_
_entity.id
_entity.type
_entity.pdbx_description
1 polymer 'Fab Heavy Chain'
2 polymer 'Fab Light Chain'
3 non-polymer 'IODIDE ION'
4 non-polymer GLYCEROL
5 water water
#
loop_
_entity_poly.entity_id
_entity_poly.type
_entity_poly.pdbx_seq_one_letter_code
_entity_poly.pdbx_strand_id
1 'polypeptide(L)'
;QVQLQQSGAALVRPGTSVKVSCRASEYAFTNYVIEWVKQRPGQGLEWIGVINPGSGGTNYNEKFKGKATLIADKSSSTAY
MQLSSLTSDDSAVYFCARSTYYSGALDYWGQGTSVTVSSAKTTAPSVYPLAPVCGDTTGSSVTLGCLVKGYFPEPVTLTW
NSGSLSSGVHTFPAVLQSDLYTLSSSVTVTSSTWPSQSITCNVAHPASSTKVDKKIEPR
;
H
2 'polypeptide(L)'
;QLVLTQSSSASFSLGASAKLTCTLSSQHSTYTIEWYQQQPLKPPKYVMELKKDGSHSTGDGIPDRFSGSSSGADRYLSIS
NIQPEDEAIYICGVGDTIKEQFVYVFGGGTKVTVLGQPKSTPTLTVFPPSSEELKENKATLVCLISNFSPSGVTVAWKAN
GTPITQGVDTSNPTKEGNKFMASSFLHLTSDQWRSHNSFTCQVTHEGDTVEKSLSPAE
;
L
#
loop_
_chem_comp.id
_chem_comp.type
_chem_comp.name
_chem_comp.formula
GOL non-polymer GLYCEROL 'C3 H8 O3'
IOD non-polymer 'IODIDE ION' 'I -1'
#
# COMPACT_ATOMS: atom_id res chain seq x y z
N GLN A 1 20.83 -10.56 -1.11
CA GLN A 1 21.16 -10.61 -2.57
C GLN A 1 19.96 -11.14 -3.36
N VAL A 2 19.28 -12.18 -2.86
CA VAL A 2 18.12 -12.85 -3.53
C VAL A 2 16.96 -11.85 -3.62
N GLN A 3 16.66 -11.34 -4.81
CA GLN A 3 15.47 -10.48 -5.01
C GLN A 3 14.62 -11.02 -6.18
N LEU A 4 13.32 -10.80 -6.07
CA LEU A 4 12.35 -10.78 -7.21
C LEU A 4 11.96 -9.31 -7.47
N GLN A 5 12.11 -8.83 -8.70
CA GLN A 5 11.74 -7.45 -9.15
C GLN A 5 10.66 -7.55 -10.22
N GLN A 6 9.46 -7.06 -9.91
CA GLN A 6 8.27 -7.20 -10.81
C GLN A 6 8.17 -6.01 -11.73
N SER A 7 7.50 -6.18 -12.88
CA SER A 7 7.21 -5.10 -13.86
C SER A 7 6.40 -3.96 -13.20
N GLY A 8 6.47 -2.76 -13.76
CA GLY A 8 5.80 -1.57 -13.22
C GLY A 8 4.28 -1.65 -13.28
N ALA A 9 3.61 -0.72 -12.60
CA ALA A 9 2.15 -0.47 -12.66
C ALA A 9 1.66 -0.52 -14.12
N ALA A 10 0.53 -1.18 -14.32
CA ALA A 10 -0.10 -1.38 -15.66
C ALA A 10 -1.53 -0.84 -15.60
N LEU A 11 -1.87 0.09 -16.50
CA LEU A 11 -3.27 0.43 -16.81
C LEU A 11 -3.66 -0.44 -17.98
N VAL A 12 -4.62 -1.34 -17.78
CA VAL A 12 -5.18 -2.20 -18.86
C VAL A 12 -6.66 -1.83 -19.07
N ARG A 13 -7.16 -1.93 -20.30
CA ARG A 13 -8.57 -1.63 -20.63
C ARG A 13 -9.39 -2.88 -20.40
N PRO A 14 -10.67 -2.73 -20.01
CA PRO A 14 -11.52 -3.88 -19.78
C PRO A 14 -11.62 -4.61 -21.12
N GLY A 15 -11.48 -5.93 -21.10
CA GLY A 15 -11.62 -6.81 -22.27
C GLY A 15 -10.29 -7.06 -22.95
N THR A 16 -9.22 -6.36 -22.56
CA THR A 16 -7.86 -6.57 -23.09
C THR A 16 -7.13 -7.46 -22.10
N SER A 17 -5.83 -7.65 -22.31
CA SER A 17 -4.98 -8.54 -21.50
C SER A 17 -3.75 -7.74 -21.07
N VAL A 18 -2.99 -8.31 -20.15
CA VAL A 18 -1.75 -7.69 -19.60
C VAL A 18 -0.73 -8.79 -19.33
N LYS A 19 0.53 -8.53 -19.69
CA LYS A 19 1.72 -9.36 -19.34
C LYS A 19 2.43 -8.67 -18.19
N VAL A 20 2.53 -9.32 -17.04
CA VAL A 20 3.35 -8.83 -15.88
C VAL A 20 4.61 -9.71 -15.84
N SER A 21 5.77 -9.13 -15.55
CA SER A 21 7.08 -9.84 -15.57
C SER A 21 7.67 -9.83 -14.16
N CYS A 22 8.36 -10.92 -13.80
CA CYS A 22 9.07 -11.12 -12.50
C CYS A 22 10.46 -11.71 -12.76
N ARG A 23 11.50 -10.88 -12.62
CA ARG A 23 12.93 -11.24 -12.89
C ARG A 23 13.57 -11.70 -11.57
N ALA A 24 14.10 -12.92 -11.54
CA ALA A 24 14.88 -13.47 -10.42
C ALA A 24 16.32 -12.91 -10.45
N SER A 25 17.01 -12.89 -9.31
CA SER A 25 18.49 -12.66 -9.29
C SER A 25 19.13 -13.26 -8.04
N GLU A 26 20.43 -13.55 -8.14
CA GLU A 26 21.32 -13.99 -7.03
C GLU A 26 20.80 -15.30 -6.44
N TYR A 27 20.34 -16.20 -7.32
CA TYR A 27 20.13 -17.65 -7.08
C TYR A 27 19.86 -18.34 -8.42
N ALA A 28 19.89 -19.67 -8.43
CA ALA A 28 19.76 -20.51 -9.65
C ALA A 28 18.28 -20.70 -9.97
N PHE A 29 17.82 -20.06 -11.06
CA PHE A 29 16.40 -19.95 -11.49
C PHE A 29 15.76 -21.34 -11.52
N THR A 30 16.45 -22.26 -12.20
CA THR A 30 15.98 -23.60 -12.63
C THR A 30 15.78 -24.54 -11.43
N ASN A 31 16.27 -24.19 -10.24
CA ASN A 31 16.24 -25.07 -9.04
C ASN A 31 15.23 -24.58 -8.00
N TYR A 32 14.24 -23.76 -8.42
CA TYR A 32 13.11 -23.25 -7.58
C TYR A 32 11.87 -23.05 -8.44
N VAL A 33 10.68 -23.11 -7.82
CA VAL A 33 9.39 -22.74 -8.47
C VAL A 33 9.14 -21.26 -8.22
N ILE A 34 8.51 -20.62 -9.21
CA ILE A 34 7.94 -19.25 -9.09
C ILE A 34 6.43 -19.40 -8.96
N GLU A 35 5.87 -18.87 -7.87
CA GLU A 35 4.40 -18.87 -7.60
C GLU A 35 3.84 -17.46 -7.86
N TRP A 36 2.54 -17.37 -8.12
CA TRP A 36 1.80 -16.09 -8.30
C TRP A 36 0.55 -16.04 -7.41
N VAL A 37 0.32 -14.87 -6.81
CA VAL A 37 -0.63 -14.65 -5.68
C VAL A 37 -1.35 -13.32 -5.92
N LYS A 38 -2.64 -13.24 -5.62
CA LYS A 38 -3.40 -11.97 -5.81
C LYS A 38 -3.79 -11.38 -4.45
N GLN A 39 -3.54 -10.09 -4.28
CA GLN A 39 -4.00 -9.42 -3.04
C GLN A 39 -5.52 -9.31 -3.12
N ARG A 40 -6.21 -9.86 -2.14
CA ARG A 40 -7.70 -9.86 -2.13
C ARG A 40 -8.24 -8.55 -1.59
N PRO A 41 -9.44 -8.10 -2.01
CA PRO A 41 -10.07 -6.94 -1.38
C PRO A 41 -10.19 -7.11 0.14
N GLY A 42 -9.90 -6.04 0.88
CA GLY A 42 -10.05 -5.98 2.34
C GLY A 42 -8.85 -6.60 3.02
N GLN A 43 -8.81 -7.93 3.09
CA GLN A 43 -7.61 -8.64 3.60
C GLN A 43 -7.54 -10.01 2.93
N GLY A 44 -6.36 -10.61 2.95
CA GLY A 44 -6.14 -11.94 2.39
C GLY A 44 -5.43 -11.93 1.06
N LEU A 45 -5.13 -13.16 0.63
CA LEU A 45 -4.24 -13.51 -0.48
C LEU A 45 -4.91 -14.65 -1.23
N GLU A 46 -4.65 -14.75 -2.51
CA GLU A 46 -5.36 -15.67 -3.44
C GLU A 46 -4.31 -16.26 -4.36
N TRP A 47 -4.14 -17.57 -4.29
CA TRP A 47 -3.07 -18.31 -5.01
C TRP A 47 -3.53 -18.46 -6.45
N ILE A 48 -2.68 -18.05 -7.38
CA ILE A 48 -2.95 -18.13 -8.83
C ILE A 48 -2.32 -19.41 -9.40
N GLY A 49 -1.02 -19.65 -9.19
CA GLY A 49 -0.30 -20.72 -9.92
C GLY A 49 1.18 -20.81 -9.62
N VAL A 50 1.83 -21.81 -10.21
CA VAL A 50 3.26 -22.20 -10.02
C VAL A 50 3.83 -22.52 -11.38
N ILE A 51 5.00 -22.02 -11.68
CA ILE A 51 5.78 -22.55 -12.81
C ILE A 51 7.06 -23.19 -12.24
N ASN A 52 7.42 -24.35 -12.77
CA ASN A 52 8.77 -24.97 -12.68
C ASN A 52 9.54 -24.45 -13.88
N PRO A 53 10.49 -23.52 -13.66
CA PRO A 53 11.16 -22.85 -14.77
C PRO A 53 12.09 -23.78 -15.58
N GLY A 54 12.50 -24.92 -15.02
CA GLY A 54 13.27 -25.93 -15.76
C GLY A 54 12.48 -26.51 -16.92
N SER A 55 11.31 -27.10 -16.63
CA SER A 55 10.51 -27.97 -17.54
C SER A 55 9.35 -27.19 -18.18
N GLY A 56 8.95 -26.05 -17.60
CA GLY A 56 7.73 -25.31 -17.99
C GLY A 56 6.46 -25.97 -17.45
N GLY A 57 6.57 -26.78 -16.39
CA GLY A 57 5.44 -27.48 -15.75
C GLY A 57 4.64 -26.54 -14.87
N THR A 58 3.38 -26.33 -15.19
CA THR A 58 2.51 -25.31 -14.53
C THR A 58 1.29 -25.99 -13.95
N ASN A 59 0.95 -25.70 -12.70
CA ASN A 59 -0.41 -25.93 -12.14
C ASN A 59 -1.03 -24.59 -11.71
N TYR A 60 -2.33 -24.61 -11.41
CA TYR A 60 -3.20 -23.41 -11.23
C TYR A 60 -4.33 -23.70 -10.23
N ASN A 61 -4.79 -22.66 -9.54
CA ASN A 61 -6.11 -22.63 -8.86
C ASN A 61 -7.16 -22.81 -9.96
N GLU A 62 -8.13 -23.71 -9.79
CA GLU A 62 -9.18 -23.96 -10.82
C GLU A 62 -9.65 -22.61 -11.39
N LYS A 63 -9.97 -21.63 -10.52
CA LYS A 63 -10.47 -20.26 -10.82
C LYS A 63 -9.60 -19.46 -11.80
N PHE A 64 -8.35 -19.85 -12.03
CA PHE A 64 -7.38 -19.08 -12.87
C PHE A 64 -7.07 -19.82 -14.17
N LYS A 65 -7.54 -21.06 -14.35
CA LYS A 65 -7.42 -21.77 -15.65
C LYS A 65 -8.22 -20.97 -16.70
N GLY A 66 -7.59 -20.63 -17.83
CA GLY A 66 -8.18 -19.83 -18.93
C GLY A 66 -8.01 -18.34 -18.72
N LYS A 67 -7.70 -17.94 -17.48
CA LYS A 67 -7.45 -16.55 -17.04
C LYS A 67 -5.94 -16.29 -17.02
N ALA A 68 -5.17 -17.12 -16.32
CA ALA A 68 -3.71 -16.92 -16.11
C ALA A 68 -2.91 -17.88 -16.99
N THR A 69 -1.83 -17.37 -17.60
CA THR A 69 -0.83 -18.17 -18.34
C THR A 69 0.56 -17.81 -17.83
N LEU A 70 1.21 -18.76 -17.17
CA LEU A 70 2.60 -18.66 -16.63
C LEU A 70 3.58 -19.21 -17.68
N ILE A 71 4.48 -18.35 -18.17
CA ILE A 71 5.68 -18.67 -18.97
C ILE A 71 6.91 -18.42 -18.09
N ALA A 72 8.06 -18.98 -18.47
CA ALA A 72 9.39 -18.76 -17.86
C ALA A 72 10.44 -18.73 -18.98
N ASP A 73 11.33 -17.75 -18.95
CA ASP A 73 12.41 -17.57 -19.95
C ASP A 73 13.74 -17.80 -19.23
N LYS A 74 14.40 -18.92 -19.52
CA LYS A 74 15.67 -19.33 -18.83
C LYS A 74 16.74 -18.29 -19.15
N SER A 75 16.85 -17.91 -20.44
CA SER A 75 17.83 -16.93 -20.96
C SER A 75 17.76 -15.66 -20.12
N SER A 76 16.60 -14.99 -20.11
CA SER A 76 16.39 -13.70 -19.39
C SER A 76 16.27 -13.93 -17.87
N SER A 77 16.01 -15.18 -17.44
CA SER A 77 15.82 -15.57 -16.02
C SER A 77 14.61 -14.81 -15.46
N THR A 78 13.50 -14.84 -16.21
CA THR A 78 12.28 -14.03 -15.97
C THR A 78 11.05 -14.94 -16.11
N ALA A 79 10.23 -15.03 -15.05
CA ALA A 79 8.88 -15.64 -15.02
C ALA A 79 7.83 -14.58 -15.40
N TYR A 80 6.95 -14.89 -16.34
CA TYR A 80 5.89 -13.97 -16.87
C TYR A 80 4.50 -14.52 -16.49
N MET A 81 3.53 -13.64 -16.22
CA MET A 81 2.10 -14.02 -16.04
C MET A 81 1.22 -13.15 -16.94
N GLN A 82 0.66 -13.78 -17.96
CA GLN A 82 -0.41 -13.22 -18.83
C GLN A 82 -1.73 -13.34 -18.07
N LEU A 83 -2.47 -12.23 -17.88
CA LEU A 83 -3.89 -12.29 -17.40
C LEU A 83 -4.81 -11.78 -18.52
N SER A 84 -5.83 -12.58 -18.89
CA SER A 84 -6.64 -12.33 -20.11
C SER A 84 -8.07 -11.82 -19.90
N SER A 85 -8.57 -11.05 -20.89
CA SER A 85 -9.96 -10.51 -20.84
C SER A 85 -10.28 -9.91 -19.48
N LEU A 86 -9.57 -8.85 -19.13
CA LEU A 86 -9.68 -8.31 -17.76
C LEU A 86 -10.93 -7.50 -17.49
N THR A 87 -11.44 -7.56 -16.25
CA THR A 87 -12.56 -6.73 -15.81
C THR A 87 -12.08 -5.97 -14.60
N SER A 88 -12.94 -5.20 -13.95
CA SER A 88 -12.60 -4.39 -12.77
C SER A 88 -12.07 -5.30 -11.66
N ASP A 89 -12.57 -6.53 -11.59
CA ASP A 89 -12.20 -7.50 -10.54
C ASP A 89 -10.72 -7.92 -10.62
N ASP A 90 -10.10 -7.71 -11.76
CA ASP A 90 -8.68 -8.11 -11.97
C ASP A 90 -7.77 -6.97 -11.49
N SER A 91 -8.38 -5.84 -11.16
CA SER A 91 -7.65 -4.66 -10.66
C SER A 91 -7.20 -4.99 -9.23
N ALA A 92 -5.90 -5.16 -9.07
CA ALA A 92 -5.30 -5.60 -7.79
C ALA A 92 -3.79 -5.49 -7.89
N VAL A 93 -3.15 -5.66 -6.74
CA VAL A 93 -1.70 -5.94 -6.59
C VAL A 93 -1.50 -7.46 -6.73
N TYR A 94 -0.63 -7.86 -7.66
CA TYR A 94 -0.21 -9.25 -7.96
C TYR A 94 1.25 -9.43 -7.53
N PHE A 95 1.54 -10.48 -6.76
CA PHE A 95 2.89 -10.79 -6.22
C PHE A 95 3.36 -12.10 -6.83
N CYS A 96 4.48 -12.10 -7.56
CA CYS A 96 5.32 -13.30 -7.79
C CYS A 96 6.07 -13.59 -6.51
N ALA A 97 6.19 -14.87 -6.14
CA ALA A 97 6.93 -15.41 -4.98
C ALA A 97 7.75 -16.65 -5.39
N ARG A 98 8.69 -17.08 -4.55
CA ARG A 98 9.62 -18.21 -4.86
C ARG A 98 9.43 -19.25 -3.75
N SER A 99 9.54 -20.53 -4.13
CA SER A 99 9.45 -21.63 -3.14
C SER A 99 10.28 -22.83 -3.62
N THR A 100 10.52 -23.78 -2.72
CA THR A 100 11.30 -24.99 -3.06
C THR A 100 10.49 -25.91 -3.97
N TYR A 101 11.15 -26.74 -4.77
CA TYR A 101 10.44 -27.75 -5.60
C TYR A 101 9.77 -28.72 -4.64
N TYR A 102 9.97 -28.51 -3.33
CA TYR A 102 9.47 -29.48 -2.34
C TYR A 102 8.09 -29.08 -1.82
N SER A 103 7.37 -28.19 -2.52
CA SER A 103 5.98 -27.81 -2.16
C SER A 103 5.97 -27.02 -0.85
N GLY A 104 6.96 -26.14 -0.66
CA GLY A 104 7.10 -25.49 0.65
C GLY A 104 6.75 -24.02 0.74
N ALA A 105 7.56 -23.28 1.48
CA ALA A 105 7.29 -21.87 1.76
C ALA A 105 7.60 -20.90 0.65
N LEU A 106 6.76 -19.89 0.51
CA LEU A 106 7.04 -18.76 -0.41
C LEU A 106 8.04 -17.84 0.33
N ASP A 107 9.34 -18.05 0.15
CA ASP A 107 10.35 -17.47 1.08
C ASP A 107 10.62 -16.01 0.71
N TYR A 108 10.85 -15.74 -0.59
CA TYR A 108 11.12 -14.40 -1.18
C TYR A 108 9.97 -13.97 -2.10
N TRP A 109 9.53 -12.72 -1.96
CA TRP A 109 8.39 -12.10 -2.72
C TRP A 109 8.90 -10.89 -3.51
N GLY A 110 8.30 -10.61 -4.68
CA GLY A 110 8.48 -9.34 -5.42
C GLY A 110 7.82 -8.16 -4.70
N GLN A 111 8.05 -6.93 -5.19
CA GLN A 111 7.51 -5.68 -4.59
C GLN A 111 6.03 -5.50 -4.91
N GLY A 112 5.47 -6.34 -5.78
CA GLY A 112 4.08 -6.23 -6.26
C GLY A 112 4.01 -5.47 -7.57
N THR A 113 3.04 -5.84 -8.41
CA THR A 113 2.62 -5.08 -9.61
C THR A 113 1.17 -4.66 -9.43
N SER A 114 0.88 -3.36 -9.35
CA SER A 114 -0.51 -2.82 -9.28
C SER A 114 -1.12 -2.79 -10.70
N VAL A 115 -2.14 -3.62 -10.96
CA VAL A 115 -2.92 -3.58 -12.24
C VAL A 115 -4.23 -2.82 -12.00
N THR A 116 -4.46 -1.78 -12.81
CA THR A 116 -5.70 -0.96 -12.89
C THR A 116 -6.44 -1.35 -14.16
N VAL A 117 -7.66 -1.85 -14.05
CA VAL A 117 -8.52 -2.15 -15.24
C VAL A 117 -9.62 -1.11 -15.28
N SER A 118 -9.53 -0.16 -16.18
CA SER A 118 -10.51 0.95 -16.26
C SER A 118 -10.57 1.42 -17.69
N SER A 119 -11.67 2.10 -18.05
CA SER A 119 -11.88 2.78 -19.36
C SER A 119 -11.84 4.30 -19.17
N ALA A 120 -11.53 4.76 -17.94
CA ALA A 120 -11.49 6.19 -17.60
C ALA A 120 -10.38 6.87 -18.39
N LYS A 121 -10.40 8.19 -18.46
CA LYS A 121 -9.57 8.97 -19.40
C LYS A 121 -8.20 9.26 -18.75
N THR A 122 -7.14 8.61 -19.24
CA THR A 122 -5.75 9.01 -18.92
C THR A 122 -5.71 10.54 -18.95
N THR A 123 -5.35 11.18 -17.84
CA THR A 123 -5.30 12.66 -17.64
C THR A 123 -4.04 13.05 -16.88
N ALA A 124 -3.18 13.88 -17.47
CA ALA A 124 -1.95 14.37 -16.81
C ALA A 124 -2.36 15.29 -15.66
N PRO A 125 -1.53 15.34 -14.59
CA PRO A 125 -1.81 16.19 -13.44
C PRO A 125 -1.58 17.68 -13.74
N SER A 126 -2.52 18.51 -13.29
CA SER A 126 -2.27 19.95 -13.09
C SER A 126 -1.47 20.03 -11.79
N VAL A 127 -0.36 20.75 -11.82
CA VAL A 127 0.59 20.80 -10.70
C VAL A 127 0.71 22.25 -10.27
N TYR A 128 0.57 22.53 -8.98
CA TYR A 128 0.54 23.91 -8.45
C TYR A 128 1.55 24.04 -7.33
N PRO A 129 2.36 25.11 -7.33
CA PRO A 129 3.33 25.35 -6.28
C PRO A 129 2.48 25.87 -5.11
N LEU A 130 2.69 25.31 -3.90
CA LEU A 130 2.01 25.74 -2.65
C LEU A 130 3.02 26.47 -1.78
N ALA A 131 3.13 27.80 -1.95
CA ALA A 131 3.93 28.67 -1.07
C ALA A 131 3.23 28.77 0.28
N PRO A 132 4.01 29.04 1.35
CA PRO A 132 3.46 29.11 2.70
C PRO A 132 2.52 30.33 2.78
N VAL A 133 1.38 30.17 3.45
CA VAL A 133 0.37 31.25 3.73
C VAL A 133 1.05 32.42 4.44
N CYS A 134 0.52 33.64 4.23
CA CYS A 134 0.97 34.94 4.81
C CYS A 134 2.50 35.07 4.71
N SER A 140 13.11 31.48 10.73
CA SER A 140 14.33 30.65 10.49
C SER A 140 14.04 29.46 9.57
N SER A 141 12.77 29.08 9.33
CA SER A 141 12.41 27.84 8.61
C SER A 141 10.96 27.89 8.11
N VAL A 142 10.66 27.18 7.01
CA VAL A 142 9.42 27.32 6.18
C VAL A 142 9.04 25.96 5.58
N THR A 143 7.75 25.60 5.62
CA THR A 143 7.21 24.39 4.94
C THR A 143 6.55 24.77 3.59
N LEU A 144 7.14 24.32 2.48
CA LEU A 144 6.62 24.49 1.11
C LEU A 144 5.78 23.28 0.73
N GLY A 145 4.90 23.47 -0.26
CA GLY A 145 4.01 22.38 -0.70
C GLY A 145 3.90 22.31 -2.21
N CYS A 146 3.21 21.28 -2.66
CA CYS A 146 3.04 20.93 -4.09
C CYS A 146 1.76 20.13 -4.17
N LEU A 147 0.79 20.60 -4.96
CA LEU A 147 -0.49 19.91 -5.21
C LEU A 147 -0.50 19.31 -6.61
N VAL A 148 -0.95 18.08 -6.69
CA VAL A 148 -1.05 17.27 -7.93
C VAL A 148 -2.53 16.93 -8.12
N LYS A 149 -3.23 17.76 -8.89
CA LYS A 149 -4.71 17.78 -9.00
C LYS A 149 -5.14 17.11 -10.32
N GLY A 150 -6.02 16.11 -10.23
CA GLY A 150 -6.82 15.61 -11.35
C GLY A 150 -5.98 14.84 -12.36
N TYR A 151 -5.38 13.74 -11.91
CA TYR A 151 -4.60 12.77 -12.74
C TYR A 151 -5.24 11.39 -12.72
N PHE A 152 -5.00 10.61 -13.76
CA PHE A 152 -5.44 9.20 -13.87
C PHE A 152 -4.59 8.58 -14.97
N PRO A 153 -4.12 7.32 -14.85
CA PRO A 153 -4.26 6.51 -13.66
C PRO A 153 -3.26 6.84 -12.52
N GLU A 154 -3.16 5.99 -11.50
CA GLU A 154 -1.93 5.94 -10.66
C GLU A 154 -0.93 5.04 -11.37
N PRO A 155 0.40 5.17 -11.18
CA PRO A 155 0.99 6.14 -10.25
C PRO A 155 1.51 7.47 -10.80
N VAL A 156 1.81 8.42 -9.90
CA VAL A 156 2.82 9.48 -10.13
C VAL A 156 4.04 9.23 -9.23
N THR A 157 5.14 9.83 -9.60
CA THR A 157 6.39 9.90 -8.83
C THR A 157 6.62 11.38 -8.58
N LEU A 158 6.83 11.73 -7.34
CA LEU A 158 6.96 13.14 -6.95
C LEU A 158 8.23 13.19 -6.12
N THR A 159 9.08 14.13 -6.40
CA THR A 159 10.36 14.35 -5.72
C THR A 159 10.49 15.86 -5.57
N TRP A 160 11.53 16.27 -4.84
CA TRP A 160 11.92 17.69 -4.67
C TRP A 160 13.36 17.85 -5.16
N ASN A 161 13.60 18.87 -5.99
CA ASN A 161 14.90 19.08 -6.69
C ASN A 161 15.38 17.73 -7.23
N SER A 162 14.44 16.95 -7.78
CA SER A 162 14.73 15.69 -8.50
C SER A 162 15.39 14.69 -7.58
N GLY A 163 15.04 14.69 -6.29
CA GLY A 163 15.49 13.74 -5.26
C GLY A 163 16.68 14.26 -4.47
N SER A 164 17.33 15.33 -4.93
CA SER A 164 18.48 16.00 -4.29
C SER A 164 18.08 16.62 -2.95
N LEU A 165 16.82 17.06 -2.85
CA LEU A 165 16.15 17.46 -1.57
C LEU A 165 15.26 16.29 -1.12
N SER A 166 15.74 15.58 -0.10
CA SER A 166 15.22 14.31 0.48
C SER A 166 14.91 14.47 1.98
N SER A 167 15.62 15.36 2.69
CA SER A 167 15.44 15.68 4.14
C SER A 167 14.24 16.62 4.36
N GLY A 168 13.17 16.10 4.96
CA GLY A 168 12.02 16.89 5.46
C GLY A 168 10.83 16.77 4.54
N VAL A 169 10.84 15.72 3.71
CA VAL A 169 9.83 15.52 2.64
C VAL A 169 8.74 14.63 3.24
N HIS A 170 7.48 15.05 3.13
CA HIS A 170 6.34 14.15 3.42
C HIS A 170 5.41 14.20 2.21
N THR A 171 5.11 13.04 1.64
CA THR A 171 4.23 12.90 0.45
C THR A 171 3.06 12.05 0.91
N PHE A 172 1.88 12.67 0.90
CA PHE A 172 0.64 12.26 1.60
C PHE A 172 -0.18 11.37 0.68
N PRO A 173 -0.94 10.41 1.24
CA PRO A 173 -1.73 9.48 0.44
C PRO A 173 -2.67 10.26 -0.48
N ALA A 174 -2.99 9.71 -1.66
CA ALA A 174 -3.81 10.36 -2.69
C ALA A 174 -5.27 10.15 -2.33
N VAL A 175 -6.13 11.05 -2.77
CA VAL A 175 -7.60 10.85 -2.74
C VAL A 175 -7.98 10.54 -4.18
N LEU A 176 -9.13 9.89 -4.36
CA LEU A 176 -9.71 9.48 -5.66
C LEU A 176 -11.16 9.94 -5.69
N GLN A 177 -11.57 10.66 -6.73
CA GLN A 177 -12.92 11.20 -6.88
C GLN A 177 -13.25 11.25 -8.37
N SER A 178 -14.35 10.63 -8.80
CA SER A 178 -14.79 10.64 -10.22
C SER A 178 -13.57 10.32 -11.12
N ASP A 179 -12.98 9.15 -10.88
CA ASP A 179 -11.89 8.58 -11.72
C ASP A 179 -10.73 9.57 -11.88
N LEU A 180 -10.51 10.47 -10.91
CA LEU A 180 -9.38 11.43 -10.90
C LEU A 180 -8.74 11.41 -9.51
N TYR A 181 -7.40 11.27 -9.46
CA TYR A 181 -6.56 11.37 -8.23
C TYR A 181 -6.04 12.80 -8.03
N THR A 182 -5.93 13.20 -6.75
CA THR A 182 -5.24 14.41 -6.22
C THR A 182 -4.36 14.01 -5.04
N LEU A 183 -3.20 14.63 -4.93
CA LEU A 183 -2.10 14.23 -4.03
C LEU A 183 -1.36 15.51 -3.70
N SER A 184 -0.86 15.64 -2.48
CA SER A 184 -0.03 16.80 -2.11
C SER A 184 1.21 16.29 -1.39
N SER A 185 2.24 17.13 -1.38
CA SER A 185 3.52 16.79 -0.75
C SER A 185 4.07 18.06 -0.15
N SER A 186 4.80 17.91 0.96
CA SER A 186 5.35 19.05 1.73
C SER A 186 6.82 18.79 1.92
N VAL A 187 7.55 19.85 2.11
CA VAL A 187 8.97 19.74 2.50
C VAL A 187 9.21 20.91 3.44
N THR A 188 10.04 20.72 4.47
CA THR A 188 10.46 21.79 5.38
C THR A 188 11.94 22.05 5.14
N VAL A 189 12.28 23.28 4.77
CA VAL A 189 13.68 23.77 4.62
C VAL A 189 13.88 24.95 5.57
N THR A 190 15.11 25.48 5.63
CA THR A 190 15.48 26.70 6.38
C THR A 190 15.31 27.90 5.46
N SER A 191 15.05 29.08 6.06
CA SER A 191 14.83 30.35 5.34
C SER A 191 16.10 30.76 4.59
N SER A 192 17.26 30.23 4.98
CA SER A 192 18.58 30.49 4.34
C SER A 192 18.65 29.76 2.98
N THR A 193 17.85 28.70 2.83
CA THR A 193 17.74 27.83 1.62
C THR A 193 16.72 28.43 0.65
N TRP A 194 15.45 28.53 1.09
CA TRP A 194 14.34 29.17 0.35
C TRP A 194 14.09 30.59 0.87
N PRO A 195 13.89 31.62 0.00
CA PRO A 195 13.88 31.46 -1.45
C PRO A 195 15.18 31.81 -2.19
N SER A 196 16.32 31.85 -1.51
CA SER A 196 17.62 32.22 -2.16
C SER A 196 17.98 31.15 -3.19
N GLN A 197 17.67 29.89 -2.89
CA GLN A 197 17.80 28.73 -3.81
C GLN A 197 16.44 28.43 -4.47
N SER A 198 16.50 28.09 -5.75
CA SER A 198 15.41 27.46 -6.55
C SER A 198 15.09 26.07 -5.97
N ILE A 199 13.83 25.86 -5.62
CA ILE A 199 13.28 24.57 -5.10
C ILE A 199 12.01 24.23 -5.91
N THR A 200 11.98 23.05 -6.56
CA THR A 200 10.88 22.58 -7.44
C THR A 200 10.38 21.24 -6.88
N CYS A 201 9.07 20.94 -6.97
CA CYS A 201 8.55 19.55 -7.02
C CYS A 201 8.51 19.12 -8.50
N ASN A 202 8.86 17.86 -8.72
CA ASN A 202 9.06 17.16 -10.01
C ASN A 202 7.94 16.14 -10.11
N VAL A 203 6.98 16.31 -10.99
CA VAL A 203 5.86 15.33 -11.04
C VAL A 203 5.91 14.60 -12.38
N ALA A 204 6.23 13.32 -12.36
CA ALA A 204 6.20 12.44 -13.54
C ALA A 204 4.94 11.62 -13.46
N HIS A 205 4.20 11.56 -14.56
CA HIS A 205 3.02 10.69 -14.80
C HIS A 205 3.34 9.87 -16.05
N PRO A 206 3.93 8.64 -15.98
CA PRO A 206 4.36 7.92 -17.18
C PRO A 206 3.22 7.63 -18.16
N ALA A 207 2.01 7.39 -17.66
CA ALA A 207 0.86 6.95 -18.51
C ALA A 207 0.54 8.02 -19.55
N SER A 208 0.75 9.29 -19.20
CA SER A 208 0.53 10.49 -20.06
C SER A 208 1.89 10.94 -20.60
N SER A 209 2.95 10.24 -20.24
CA SER A 209 4.34 10.52 -20.69
C SER A 209 4.79 11.96 -20.36
N THR A 210 4.16 12.59 -19.35
CA THR A 210 4.47 13.97 -18.92
C THR A 210 5.37 13.99 -17.66
N LYS A 211 6.24 14.97 -17.62
CA LYS A 211 7.08 15.31 -16.47
C LYS A 211 6.91 16.80 -16.25
N VAL A 212 6.61 17.22 -15.01
CA VAL A 212 6.59 18.67 -14.69
C VAL A 212 7.46 18.95 -13.47
N ASP A 213 8.19 20.06 -13.53
CA ASP A 213 8.97 20.69 -12.44
C ASP A 213 8.33 22.04 -12.17
N LYS A 214 7.69 22.24 -11.01
CA LYS A 214 7.16 23.56 -10.58
C LYS A 214 8.04 24.20 -9.52
N LYS A 215 8.50 25.41 -9.78
CA LYS A 215 9.28 26.26 -8.84
C LYS A 215 8.35 26.85 -7.77
N ILE A 216 8.76 26.80 -6.50
CA ILE A 216 7.97 27.44 -5.42
C ILE A 216 8.52 28.87 -5.33
N GLU A 217 7.70 29.86 -5.65
CA GLU A 217 8.06 31.31 -5.58
C GLU A 217 7.30 31.94 -4.40
N PRO A 218 7.87 32.95 -3.72
CA PRO A 218 7.25 33.49 -2.51
C PRO A 218 5.94 34.25 -2.78
N GLN B 1 -9.50 -30.06 -1.36
CA GLN B 1 -10.49 -29.51 -0.38
C GLN B 1 -9.75 -29.06 0.88
N LEU B 2 -8.58 -28.44 0.71
CA LEU B 2 -7.70 -27.95 1.80
C LEU B 2 -8.20 -26.58 2.27
N VAL B 3 -8.50 -26.41 3.57
CA VAL B 3 -9.24 -25.22 4.12
C VAL B 3 -8.66 -24.79 5.47
N LEU B 4 -7.77 -23.79 5.41
CA LEU B 4 -7.26 -23.04 6.58
C LEU B 4 -8.34 -22.06 7.02
N THR B 5 -8.90 -22.28 8.21
CA THR B 5 -9.83 -21.34 8.89
C THR B 5 -9.05 -20.53 9.94
N GLN B 6 -9.04 -19.20 9.77
CA GLN B 6 -8.61 -18.23 10.81
C GLN B 6 -9.81 -17.36 11.20
N SER B 7 -9.69 -16.65 12.32
CA SER B 7 -10.63 -15.58 12.72
C SER B 7 -10.24 -14.28 12.00
N SER B 8 -11.25 -13.56 11.51
CA SER B 8 -11.11 -12.27 10.79
C SER B 8 -10.13 -11.33 11.55
N SER B 9 -10.43 -10.97 12.80
CA SER B 9 -9.61 -10.00 13.58
C SER B 9 -9.45 -10.45 15.04
N ALA B 10 -8.28 -10.12 15.62
CA ALA B 10 -7.87 -10.40 17.02
C ALA B 10 -7.31 -9.11 17.67
N SER B 11 -7.64 -8.83 18.93
CA SER B 11 -7.12 -7.69 19.73
C SER B 11 -6.42 -8.18 21.00
N PHE B 12 -5.13 -7.85 21.16
CA PHE B 12 -4.32 -8.10 22.38
C PHE B 12 -3.72 -6.78 22.89
N SER B 13 -3.87 -6.50 24.20
CA SER B 13 -3.22 -5.39 24.94
C SER B 13 -1.71 -5.55 24.81
N LEU B 14 -0.97 -4.45 24.62
CA LEU B 14 0.49 -4.39 24.35
C LEU B 14 1.27 -5.22 25.38
N GLY B 15 2.43 -5.75 25.00
CA GLY B 15 3.32 -6.52 25.90
C GLY B 15 2.84 -7.95 26.10
N ALA B 16 1.52 -8.12 26.19
CA ALA B 16 0.93 -9.44 26.50
C ALA B 16 1.26 -10.49 25.43
N SER B 17 1.00 -11.74 25.76
CA SER B 17 1.27 -12.84 24.80
C SER B 17 0.09 -12.96 23.82
N ALA B 18 0.43 -13.08 22.54
CA ALA B 18 -0.51 -13.30 21.43
C ALA B 18 -0.32 -14.71 20.87
N LYS B 19 -1.36 -15.56 20.96
CA LYS B 19 -1.45 -16.89 20.26
C LYS B 19 -2.52 -16.81 19.15
N LEU B 20 -2.11 -17.05 17.90
CA LEU B 20 -3.03 -17.01 16.73
C LEU B 20 -3.30 -18.43 16.23
N THR B 21 -4.50 -18.69 15.70
CA THR B 21 -4.88 -20.09 15.33
C THR B 21 -5.23 -20.26 13.86
N CYS B 22 -4.71 -21.31 13.24
CA CYS B 22 -5.03 -21.67 11.84
C CYS B 22 -5.50 -23.12 11.93
N THR B 23 -6.80 -23.33 12.10
CA THR B 23 -7.37 -24.71 12.18
C THR B 23 -7.35 -25.34 10.78
N LEU B 24 -6.75 -26.52 10.67
CA LEU B 24 -6.61 -27.17 9.35
C LEU B 24 -7.84 -28.04 9.12
N SER B 25 -8.25 -28.19 7.88
CA SER B 25 -9.34 -29.14 7.54
C SER B 25 -8.99 -30.49 8.19
N SER B 26 -9.97 -31.12 8.86
CA SER B 26 -9.86 -32.42 9.60
C SER B 26 -9.13 -33.47 8.77
N GLN B 27 -9.43 -33.53 7.47
CA GLN B 27 -8.84 -34.49 6.49
C GLN B 27 -7.31 -34.37 6.44
N HIS B 28 -6.74 -33.16 6.59
CA HIS B 28 -5.29 -32.86 6.36
C HIS B 28 -4.63 -32.42 7.67
N SER B 29 -5.14 -32.90 8.81
CA SER B 29 -4.74 -32.51 10.19
C SER B 29 -3.23 -32.68 10.42
N THR B 30 -2.50 -33.33 9.50
CA THR B 30 -1.09 -33.78 9.71
C THR B 30 -0.11 -32.83 9.02
N TYR B 31 -0.62 -31.91 8.19
CA TYR B 31 0.17 -31.09 7.24
C TYR B 31 1.03 -30.07 7.97
N THR B 32 2.18 -29.77 7.37
CA THR B 32 3.01 -28.57 7.66
C THR B 32 2.40 -27.36 6.92
N ILE B 33 2.28 -26.24 7.61
CA ILE B 33 1.83 -24.94 7.03
C ILE B 33 3.03 -23.97 7.05
N GLU B 34 2.93 -22.86 6.33
CA GLU B 34 3.77 -21.66 6.58
C GLU B 34 2.92 -20.61 7.31
N TRP B 35 3.56 -19.64 7.98
CA TRP B 35 2.92 -18.39 8.46
C TRP B 35 3.49 -17.22 7.68
N TYR B 36 2.63 -16.23 7.44
CA TYR B 36 3.01 -14.98 6.73
C TYR B 36 2.49 -13.76 7.51
N GLN B 37 3.23 -12.66 7.38
CA GLN B 37 2.92 -11.34 7.98
C GLN B 37 2.69 -10.37 6.82
N GLN B 38 1.52 -9.74 6.79
CA GLN B 38 1.15 -8.74 5.76
C GLN B 38 0.86 -7.40 6.45
N GLN B 39 1.70 -6.40 6.15
CA GLN B 39 1.44 -4.97 6.49
C GLN B 39 1.04 -4.21 5.23
N PRO B 40 0.17 -3.18 5.38
CA PRO B 40 -0.52 -2.54 4.25
C PRO B 40 0.43 -1.84 3.27
N LEU B 41 0.26 -2.08 1.97
CA LEU B 41 1.11 -1.53 0.87
C LEU B 41 2.56 -2.00 1.04
N LYS B 42 2.75 -3.29 1.35
CA LYS B 42 4.09 -3.95 1.51
C LYS B 42 3.95 -5.45 1.22
N PRO B 43 4.89 -6.08 0.47
CA PRO B 43 4.85 -7.52 0.22
C PRO B 43 4.70 -8.33 1.50
N PRO B 44 3.84 -9.38 1.53
CA PRO B 44 3.78 -10.27 2.69
C PRO B 44 5.13 -10.99 2.87
N LYS B 45 5.37 -11.49 4.08
CA LYS B 45 6.71 -11.90 4.56
C LYS B 45 6.61 -13.30 5.17
N TYR B 46 7.39 -14.25 4.67
CA TYR B 46 7.57 -15.60 5.25
C TYR B 46 8.02 -15.44 6.72
N VAL B 47 7.21 -15.96 7.65
CA VAL B 47 7.41 -15.86 9.12
C VAL B 47 8.03 -17.17 9.65
N MET B 48 7.39 -18.31 9.38
CA MET B 48 7.92 -19.65 9.72
C MET B 48 7.22 -20.74 8.91
N GLU B 49 7.88 -21.89 8.79
CA GLU B 49 7.27 -23.20 8.45
C GLU B 49 6.95 -23.92 9.76
N LEU B 50 5.81 -24.57 9.89
CA LEU B 50 5.36 -25.12 11.19
C LEU B 50 4.80 -26.54 11.04
N LYS B 51 5.58 -27.55 11.47
CA LYS B 51 5.23 -29.00 11.36
C LYS B 51 4.16 -29.39 12.40
N LYS B 52 3.65 -30.62 12.28
CA LYS B 52 2.52 -31.18 13.09
C LYS B 52 2.91 -31.41 14.56
N ASP B 53 4.22 -31.48 14.88
CA ASP B 53 4.75 -31.79 16.24
C ASP B 53 4.95 -30.50 17.05
N GLY B 54 5.46 -29.45 16.39
CA GLY B 54 5.77 -28.17 17.03
C GLY B 54 7.00 -27.58 16.37
N SER B 55 7.67 -28.38 15.56
CA SER B 55 8.93 -27.94 14.93
C SER B 55 8.65 -26.67 14.15
N HIS B 56 9.44 -25.63 14.41
CA HIS B 56 9.22 -24.32 13.76
C HIS B 56 10.54 -23.84 13.20
N SER B 57 10.56 -23.52 11.91
CA SER B 57 11.80 -23.01 11.26
C SER B 57 11.57 -21.56 10.82
N THR B 58 11.61 -20.62 11.77
CA THR B 58 11.32 -19.17 11.56
C THR B 58 12.20 -18.64 10.42
N GLY B 59 11.61 -17.85 9.51
CA GLY B 59 12.32 -17.24 8.37
C GLY B 59 13.21 -16.11 8.83
N ASP B 60 14.11 -15.64 7.97
CA ASP B 60 15.09 -14.56 8.28
C ASP B 60 14.35 -13.31 8.76
N GLY B 61 14.99 -12.50 9.62
CA GLY B 61 14.46 -11.24 10.15
C GLY B 61 13.22 -11.43 11.01
N ILE B 62 12.90 -12.67 11.40
CA ILE B 62 11.77 -12.98 12.34
C ILE B 62 12.38 -13.18 13.72
N PRO B 63 12.29 -12.16 14.61
CA PRO B 63 13.04 -12.21 15.86
C PRO B 63 12.47 -13.29 16.80
N ASP B 64 13.11 -13.42 17.98
CA ASP B 64 12.93 -14.52 18.96
C ASP B 64 11.49 -14.57 19.48
N ARG B 65 10.79 -13.45 19.49
CA ARG B 65 9.46 -13.29 20.12
C ARG B 65 8.44 -14.17 19.40
N PHE B 66 8.64 -14.39 18.10
CA PHE B 66 7.81 -15.30 17.26
C PHE B 66 8.25 -16.76 17.49
N SER B 67 7.32 -17.63 17.87
CA SER B 67 7.54 -19.10 18.01
C SER B 67 6.31 -19.88 17.49
N GLY B 68 6.50 -21.19 17.25
CA GLY B 68 5.49 -22.09 16.68
C GLY B 68 5.12 -23.24 17.62
N SER B 69 3.83 -23.59 17.64
CA SER B 69 3.20 -24.75 18.34
C SER B 69 2.17 -25.41 17.40
N SER B 70 1.85 -26.70 17.62
CA SER B 70 0.88 -27.52 16.81
C SER B 70 0.05 -28.37 17.77
N SER B 71 -1.24 -28.56 17.49
CA SER B 71 -2.20 -29.28 18.39
C SER B 71 -3.31 -29.98 17.58
N GLY B 72 -3.04 -31.20 17.10
CA GLY B 72 -3.96 -31.92 16.20
C GLY B 72 -4.23 -31.06 14.97
N ALA B 73 -5.49 -30.72 14.72
CA ALA B 73 -5.93 -29.87 13.57
C ALA B 73 -5.24 -28.49 13.64
N ASP B 74 -5.42 -27.74 14.75
CA ASP B 74 -4.97 -26.33 14.94
C ASP B 74 -3.44 -26.22 14.74
N ARG B 75 -2.97 -25.06 14.26
CA ARG B 75 -1.53 -24.64 14.16
C ARG B 75 -1.40 -23.20 14.68
N TYR B 76 -0.42 -22.91 15.54
CA TYR B 76 -0.38 -21.69 16.39
C TYR B 76 0.75 -20.75 15.99
N LEU B 77 0.47 -19.44 15.95
CA LEU B 77 1.53 -18.40 16.00
C LEU B 77 1.54 -17.83 17.42
N SER B 78 2.69 -17.93 18.10
CA SER B 78 2.98 -17.30 19.42
C SER B 78 3.95 -16.12 19.22
N ILE B 79 3.53 -14.93 19.66
CA ILE B 79 4.38 -13.71 19.61
C ILE B 79 4.56 -13.31 21.06
N SER B 80 5.80 -13.31 21.56
CA SER B 80 6.03 -13.11 23.02
C SER B 80 5.58 -11.75 23.57
N ASN B 81 5.99 -10.66 22.96
CA ASN B 81 5.64 -9.31 23.48
C ASN B 81 4.87 -8.68 22.34
N ILE B 82 3.58 -8.47 22.54
CA ILE B 82 2.80 -8.06 21.33
C ILE B 82 3.15 -6.58 21.13
N GLN B 83 4.30 -6.36 20.50
CA GLN B 83 4.80 -4.98 20.31
C GLN B 83 3.99 -4.21 19.27
N PRO B 84 3.96 -2.86 19.28
CA PRO B 84 3.32 -2.08 18.22
C PRO B 84 3.56 -2.61 16.80
N GLU B 85 4.81 -2.93 16.45
CA GLU B 85 5.23 -3.19 15.04
C GLU B 85 4.73 -4.58 14.57
N ASP B 86 4.13 -5.36 15.47
CA ASP B 86 3.57 -6.70 15.16
C ASP B 86 2.16 -6.54 14.56
N GLU B 87 1.55 -5.36 14.72
CA GLU B 87 0.24 -4.97 14.12
C GLU B 87 0.28 -5.22 12.61
N ALA B 88 -0.60 -6.08 12.13
CA ALA B 88 -0.56 -6.68 10.77
C ALA B 88 -1.71 -7.65 10.61
N ILE B 89 -1.84 -8.17 9.39
CA ILE B 89 -2.66 -9.36 9.08
C ILE B 89 -1.70 -10.56 9.03
N TYR B 90 -1.97 -11.57 9.86
CA TYR B 90 -1.17 -12.82 9.90
C TYR B 90 -1.92 -13.87 9.05
N ILE B 91 -1.31 -14.26 7.95
CA ILE B 91 -1.91 -15.23 6.99
C ILE B 91 -1.07 -16.53 6.98
N CYS B 92 -1.74 -17.64 7.26
CA CYS B 92 -1.18 -19.02 7.11
C CYS B 92 -1.56 -19.64 5.77
N GLY B 93 -0.63 -20.41 5.19
CA GLY B 93 -0.74 -21.18 3.93
C GLY B 93 -0.28 -22.64 4.07
N VAL B 94 -0.68 -23.49 3.10
CA VAL B 94 -0.39 -24.95 3.09
C VAL B 94 -0.14 -25.38 1.64
N GLY B 95 0.71 -26.37 1.42
CA GLY B 95 0.96 -26.92 0.06
C GLY B 95 0.61 -28.40 -0.03
N ASP B 96 0.12 -28.86 -1.19
CA ASP B 96 -0.27 -30.28 -1.39
C ASP B 96 0.10 -30.72 -2.81
N THR B 97 0.57 -31.96 -3.00
CA THR B 97 0.95 -32.48 -4.34
C THR B 97 0.27 -33.84 -4.56
N ILE B 98 -0.99 -33.86 -5.03
CA ILE B 98 -1.77 -35.13 -5.19
C ILE B 98 -1.22 -36.08 -6.26
N LYS B 99 -0.89 -35.58 -7.45
CA LYS B 99 -0.48 -36.47 -8.57
C LYS B 99 0.49 -35.67 -9.40
N GLU B 100 1.56 -35.15 -8.79
CA GLU B 100 2.54 -34.26 -9.49
C GLU B 100 1.87 -32.91 -9.80
N GLN B 101 0.76 -32.63 -9.14
CA GLN B 101 -0.01 -31.40 -9.43
C GLN B 101 0.01 -30.73 -8.06
N PHE B 102 0.68 -29.58 -7.96
CA PHE B 102 0.85 -28.89 -6.66
C PHE B 102 -0.17 -27.76 -6.48
N VAL B 103 -0.77 -27.68 -5.29
CA VAL B 103 -1.72 -26.59 -4.97
C VAL B 103 -1.30 -25.91 -3.66
N TYR B 104 -1.37 -24.57 -3.57
CA TYR B 104 -1.10 -23.84 -2.30
C TYR B 104 -2.37 -23.10 -1.88
N VAL B 105 -2.69 -23.07 -0.59
CA VAL B 105 -3.96 -22.46 -0.09
C VAL B 105 -3.72 -21.53 1.10
N PHE B 106 -4.39 -20.37 1.13
CA PHE B 106 -4.27 -19.34 2.20
C PHE B 106 -5.55 -19.31 3.02
N GLY B 107 -5.42 -19.21 4.34
CA GLY B 107 -6.52 -18.76 5.21
C GLY B 107 -6.91 -17.30 4.89
N GLY B 108 -8.04 -16.84 5.44
CA GLY B 108 -8.60 -15.51 5.15
C GLY B 108 -7.74 -14.39 5.71
N GLY B 109 -6.84 -14.73 6.65
CA GLY B 109 -5.99 -13.79 7.39
C GLY B 109 -6.66 -13.42 8.70
N THR B 110 -5.85 -12.97 9.68
CA THR B 110 -6.28 -12.46 11.01
C THR B 110 -5.66 -11.08 11.22
N LYS B 111 -6.51 -10.05 11.37
CA LYS B 111 -6.08 -8.64 11.55
C LYS B 111 -5.88 -8.40 13.05
N VAL B 112 -4.61 -8.24 13.42
CA VAL B 112 -4.17 -8.05 14.83
C VAL B 112 -4.12 -6.54 15.10
N THR B 113 -5.00 -6.06 15.98
CA THR B 113 -4.96 -4.71 16.61
C THR B 113 -4.30 -4.86 17.99
N VAL B 114 -3.31 -4.01 18.29
CA VAL B 114 -2.62 -3.90 19.62
C VAL B 114 -3.21 -2.70 20.39
N LEU B 115 -3.70 -2.95 21.61
CA LEU B 115 -4.53 -2.02 22.42
C LEU B 115 -3.78 -1.63 23.71
N GLY B 116 -4.19 -0.52 24.32
CA GLY B 116 -3.50 0.08 25.49
C GLY B 116 -2.30 0.88 25.04
N GLN B 117 -2.27 1.25 23.77
CA GLN B 117 -1.13 1.98 23.14
C GLN B 117 -1.34 3.46 23.40
N PRO B 118 -0.29 4.23 23.71
CA PRO B 118 -0.41 5.68 23.86
C PRO B 118 -0.62 6.31 22.49
N LYS B 119 -1.42 7.37 22.43
CA LYS B 119 -1.78 7.99 21.14
C LYS B 119 -0.72 9.03 20.80
N SER B 120 -0.59 9.35 19.51
CA SER B 120 0.06 10.55 18.93
C SER B 120 -1.05 11.41 18.30
N THR B 121 -1.05 12.70 18.55
CA THR B 121 -2.11 13.63 18.10
C THR B 121 -1.72 14.11 16.70
N PRO B 122 -2.67 14.18 15.74
CA PRO B 122 -2.37 14.70 14.41
C PRO B 122 -1.88 16.14 14.49
N THR B 123 -0.82 16.46 13.76
CA THR B 123 -0.43 17.85 13.46
C THR B 123 -0.82 18.16 12.01
N LEU B 124 -1.19 19.42 11.78
CA LEU B 124 -1.92 19.88 10.59
C LEU B 124 -1.05 20.84 9.79
N THR B 125 -1.03 20.65 8.48
CA THR B 125 -0.45 21.62 7.52
C THR B 125 -1.58 21.95 6.57
N VAL B 126 -1.84 23.24 6.44
CA VAL B 126 -2.85 23.77 5.48
C VAL B 126 -2.13 24.66 4.50
N PHE B 127 -2.56 24.61 3.26
CA PHE B 127 -2.10 25.52 2.20
C PHE B 127 -3.32 26.14 1.54
N PRO B 128 -3.22 27.44 1.21
CA PRO B 128 -4.22 28.12 0.44
C PRO B 128 -4.07 27.89 -1.06
N PRO B 129 -5.10 28.27 -1.86
CA PRO B 129 -5.01 28.19 -3.31
C PRO B 129 -3.82 29.01 -3.84
N SER B 130 -3.01 28.40 -4.72
CA SER B 130 -1.99 29.10 -5.53
C SER B 130 -2.69 30.18 -6.37
N SER B 131 -2.11 31.38 -6.45
CA SER B 131 -2.44 32.43 -7.44
C SER B 131 -2.69 31.77 -8.80
N GLU B 132 -1.88 30.76 -9.15
CA GLU B 132 -1.94 30.09 -10.46
C GLU B 132 -3.30 29.39 -10.60
N GLU B 133 -3.70 28.64 -9.58
CA GLU B 133 -5.00 27.93 -9.61
C GLU B 133 -6.10 28.99 -9.58
N LEU B 134 -5.89 30.08 -8.85
CA LEU B 134 -6.95 31.12 -8.69
C LEU B 134 -7.27 31.73 -10.07
N LYS B 135 -6.22 32.05 -10.84
CA LYS B 135 -6.30 32.56 -12.23
C LYS B 135 -7.28 31.71 -13.05
N GLU B 136 -7.51 30.45 -12.66
CA GLU B 136 -8.38 29.48 -13.38
C GLU B 136 -9.79 29.43 -12.78
N ASN B 137 -10.09 30.28 -11.77
CA ASN B 137 -11.41 30.36 -11.09
C ASN B 137 -11.72 29.04 -10.36
N LYS B 138 -10.69 28.43 -9.75
CA LYS B 138 -10.77 27.22 -8.89
C LYS B 138 -9.92 27.53 -7.66
N ALA B 139 -10.26 27.01 -6.48
CA ALA B 139 -9.43 27.16 -5.27
C ALA B 139 -9.49 25.88 -4.44
N THR B 140 -8.41 25.09 -4.43
CA THR B 140 -8.25 23.84 -3.65
C THR B 140 -7.50 24.19 -2.38
N LEU B 141 -8.10 23.98 -1.21
CA LEU B 141 -7.41 24.12 0.09
C LEU B 141 -6.90 22.75 0.51
N VAL B 142 -5.73 22.73 1.12
CA VAL B 142 -4.97 21.46 1.32
C VAL B 142 -4.74 21.32 2.81
N CYS B 143 -5.22 20.20 3.37
CA CYS B 143 -4.98 19.89 4.79
C CYS B 143 -4.14 18.61 4.84
N LEU B 144 -2.90 18.69 5.29
CA LEU B 144 -2.03 17.50 5.47
C LEU B 144 -1.93 17.15 6.96
N ILE B 145 -2.20 15.88 7.28
CA ILE B 145 -2.44 15.36 8.66
C ILE B 145 -1.36 14.32 8.90
N SER B 146 -0.36 14.59 9.73
CA SER B 146 0.78 13.66 9.90
C SER B 146 0.95 13.29 11.37
N ASN B 147 1.67 12.19 11.62
CA ASN B 147 2.24 11.84 12.94
C ASN B 147 1.06 11.54 13.88
N PHE B 148 0.15 10.68 13.46
CA PHE B 148 -1.01 10.29 14.29
C PHE B 148 -1.05 8.77 14.41
N SER B 149 -1.47 8.28 15.57
CA SER B 149 -1.71 6.84 15.85
C SER B 149 -2.73 6.71 16.97
N PRO B 150 -3.76 5.84 16.84
CA PRO B 150 -3.86 4.89 15.73
C PRO B 150 -4.50 5.58 14.51
N SER B 151 -4.97 4.83 13.51
CA SER B 151 -5.13 5.34 12.13
C SER B 151 -6.46 6.10 11.98
N GLY B 152 -7.37 6.02 12.94
CA GLY B 152 -8.71 6.60 12.79
C GLY B 152 -8.77 8.10 13.02
N VAL B 153 -9.06 8.86 11.97
CA VAL B 153 -9.45 10.31 12.01
C VAL B 153 -10.76 10.48 11.25
N THR B 154 -11.52 11.51 11.57
CA THR B 154 -12.56 12.05 10.68
C THR B 154 -12.17 13.50 10.44
N VAL B 155 -12.35 13.95 9.20
CA VAL B 155 -11.99 15.32 8.80
C VAL B 155 -13.25 16.02 8.33
N ALA B 156 -13.43 17.24 8.81
CA ALA B 156 -14.46 18.20 8.40
C ALA B 156 -13.80 19.54 8.13
N TRP B 157 -14.40 20.29 7.23
CA TRP B 157 -14.04 21.69 6.92
C TRP B 157 -15.23 22.57 7.32
N LYS B 158 -14.90 23.79 7.71
CA LYS B 158 -15.92 24.80 8.03
C LYS B 158 -15.50 25.98 7.17
N ALA B 159 -16.46 26.78 6.70
CA ALA B 159 -16.10 27.98 5.93
C ALA B 159 -15.86 29.19 6.82
N ASN B 160 -16.82 29.64 7.61
CA ASN B 160 -16.53 30.74 8.57
C ASN B 160 -16.76 29.98 9.87
N GLY B 161 -17.98 29.52 10.09
CA GLY B 161 -18.26 28.62 11.24
C GLY B 161 -19.28 27.57 10.82
N THR B 162 -19.48 27.43 9.51
CA THR B 162 -20.54 26.53 9.00
C THR B 162 -19.91 25.34 8.26
N PRO B 163 -20.34 24.08 8.50
CA PRO B 163 -19.72 22.96 7.83
C PRO B 163 -19.78 22.97 6.31
N ILE B 164 -18.73 22.50 5.65
CA ILE B 164 -18.78 22.34 4.17
C ILE B 164 -18.64 20.86 3.84
N THR B 165 -19.64 20.25 3.21
CA THR B 165 -19.63 18.83 2.77
C THR B 165 -19.16 18.77 1.31
N GLN B 166 -19.61 19.77 0.53
CA GLN B 166 -19.41 19.84 -0.94
C GLN B 166 -17.94 20.13 -1.26
N GLY B 167 -17.38 19.33 -2.16
CA GLY B 167 -16.02 19.51 -2.69
C GLY B 167 -14.96 19.13 -1.68
N VAL B 168 -15.31 18.30 -0.65
CA VAL B 168 -14.36 17.75 0.35
C VAL B 168 -13.98 16.33 -0.05
N ASP B 169 -12.68 16.05 -0.11
CA ASP B 169 -12.09 14.74 -0.47
C ASP B 169 -11.00 14.45 0.56
N THR B 170 -11.16 13.37 1.33
CA THR B 170 -10.27 12.92 2.43
C THR B 170 -9.67 11.52 2.17
N SER B 171 -8.35 11.36 2.27
CA SER B 171 -7.60 10.09 2.03
C SER B 171 -7.88 9.04 3.10
N ASN B 172 -7.52 7.79 2.81
CA ASN B 172 -7.36 6.74 3.83
C ASN B 172 -6.04 7.02 4.51
N PRO B 173 -5.89 6.64 5.78
CA PRO B 173 -4.61 6.81 6.46
C PRO B 173 -3.60 5.87 5.80
N THR B 174 -2.33 6.19 5.88
CA THR B 174 -1.28 5.23 5.48
C THR B 174 -0.19 5.24 6.52
N LYS B 175 0.30 4.04 6.84
CA LYS B 175 1.34 3.79 7.86
C LYS B 175 2.66 4.33 7.31
N GLU B 176 3.18 5.44 7.88
CA GLU B 176 4.60 5.92 7.80
C GLU B 176 5.28 5.58 9.14
N GLY B 177 6.03 4.46 9.20
CA GLY B 177 6.72 3.99 10.42
C GLY B 177 5.71 3.52 11.47
N ASN B 178 5.75 4.09 12.68
CA ASN B 178 4.87 3.64 13.79
C ASN B 178 3.61 4.55 13.90
N LYS B 179 3.55 5.63 13.09
CA LYS B 179 2.41 6.59 13.01
C LYS B 179 1.77 6.53 11.60
N PHE B 180 0.82 7.41 11.34
CA PHE B 180 -0.03 7.41 10.13
C PHE B 180 -0.05 8.83 9.55
N MET B 181 -0.52 8.98 8.32
CA MET B 181 -0.60 10.28 7.61
C MET B 181 -1.79 10.24 6.68
N ALA B 182 -2.46 11.35 6.49
CA ALA B 182 -3.67 11.44 5.66
C ALA B 182 -3.72 12.86 5.07
N SER B 183 -4.54 13.08 4.05
CA SER B 183 -4.67 14.39 3.37
C SER B 183 -6.16 14.71 3.26
N SER B 184 -6.50 15.99 3.24
CA SER B 184 -7.89 16.39 2.91
C SER B 184 -7.86 17.64 2.03
N PHE B 185 -8.79 17.72 1.10
CA PHE B 185 -8.85 18.85 0.15
C PHE B 185 -10.29 19.35 0.08
N LEU B 186 -10.44 20.66 0.08
CA LEU B 186 -11.72 21.37 -0.12
C LEU B 186 -11.64 22.11 -1.46
N HIS B 187 -12.39 21.64 -2.46
CA HIS B 187 -12.47 22.19 -3.84
C HIS B 187 -13.52 23.30 -3.93
N LEU B 188 -13.09 24.56 -3.90
CA LEU B 188 -13.96 25.77 -3.98
C LEU B 188 -13.81 26.43 -5.36
N THR B 189 -14.52 27.55 -5.59
CA THR B 189 -14.28 28.50 -6.69
C THR B 189 -13.43 29.63 -6.12
N SER B 190 -12.74 30.36 -6.99
CA SER B 190 -11.92 31.52 -6.58
C SER B 190 -12.79 32.52 -5.81
N ASP B 191 -14.08 32.65 -6.13
CA ASP B 191 -14.98 33.64 -5.47
C ASP B 191 -15.32 33.15 -4.05
N GLN B 192 -15.83 31.92 -3.96
CA GLN B 192 -16.04 31.22 -2.66
C GLN B 192 -14.81 31.44 -1.80
N TRP B 193 -13.60 31.29 -2.35
CA TRP B 193 -12.35 31.52 -1.59
C TRP B 193 -12.17 32.99 -1.18
N ARG B 194 -12.52 33.97 -2.03
CA ARG B 194 -12.19 35.40 -1.77
C ARG B 194 -13.28 36.06 -0.91
N SER B 195 -14.50 35.52 -0.96
CA SER B 195 -15.70 35.89 -0.15
C SER B 195 -15.45 35.73 1.36
N HIS B 196 -15.18 34.50 1.79
CA HIS B 196 -15.05 34.15 3.22
C HIS B 196 -13.87 34.81 3.94
N ASN B 197 -13.92 34.85 5.27
CA ASN B 197 -12.87 35.52 6.07
C ASN B 197 -11.96 34.45 6.63
N SER B 198 -12.45 33.22 6.75
CA SER B 198 -11.63 32.09 7.23
C SER B 198 -12.11 30.82 6.58
N PHE B 199 -11.36 29.73 6.68
CA PHE B 199 -11.77 28.37 6.27
C PHE B 199 -11.06 27.48 7.29
N THR B 200 -11.65 26.37 7.71
CA THR B 200 -10.98 25.61 8.81
C THR B 200 -10.93 24.12 8.52
N CYS B 201 -9.75 23.52 8.65
CA CYS B 201 -9.62 22.06 8.57
C CYS B 201 -9.75 21.56 10.01
N GLN B 202 -10.76 20.73 10.27
CA GLN B 202 -11.05 20.15 11.61
C GLN B 202 -10.80 18.65 11.57
N VAL B 203 -9.91 18.16 12.43
CA VAL B 203 -9.57 16.71 12.48
C VAL B 203 -9.89 16.15 13.86
N THR B 204 -10.63 15.03 13.88
CA THR B 204 -11.14 14.39 15.11
C THR B 204 -10.39 13.07 15.30
N HIS B 205 -9.66 12.92 16.39
CA HIS B 205 -8.79 11.73 16.62
C HIS B 205 -8.97 11.29 18.07
N GLU B 206 -9.70 10.20 18.27
CA GLU B 206 -9.74 9.48 19.56
C GLU B 206 -10.21 10.44 20.66
N GLY B 207 -11.29 11.19 20.43
CA GLY B 207 -11.85 12.13 21.43
C GLY B 207 -11.28 13.54 21.35
N ASP B 208 -10.11 13.68 20.73
CA ASP B 208 -9.39 14.96 20.54
C ASP B 208 -9.75 15.59 19.20
N THR B 209 -9.70 16.92 19.16
CA THR B 209 -9.91 17.75 17.96
C THR B 209 -8.70 18.66 17.77
N VAL B 210 -8.15 18.67 16.56
CA VAL B 210 -7.14 19.66 16.08
C VAL B 210 -7.73 20.45 14.91
N GLU B 211 -7.54 21.76 14.93
CA GLU B 211 -8.06 22.72 13.94
C GLU B 211 -6.95 23.66 13.50
N LYS B 212 -6.86 23.90 12.20
CA LYS B 212 -5.95 24.93 11.67
C LYS B 212 -6.75 25.67 10.61
N SER B 213 -6.62 26.99 10.59
CA SER B 213 -7.45 27.91 9.78
C SER B 213 -6.54 28.66 8.81
N LEU B 214 -7.12 29.07 7.69
CA LEU B 214 -6.52 29.98 6.68
C LEU B 214 -7.34 31.28 6.70
N SER B 215 -6.70 32.44 6.55
CA SER B 215 -7.32 33.74 6.15
C SER B 215 -7.06 34.00 4.67
N PRO B 216 -8.13 34.09 3.83
CA PRO B 216 -7.98 34.45 2.43
C PRO B 216 -7.42 35.86 2.29
N ALA B 217 -7.67 36.70 3.27
CA ALA B 217 -7.20 38.09 3.23
C ALA B 217 -5.68 38.17 3.31
N GLU B 218 -5.07 37.46 4.24
CA GLU B 218 -3.61 37.57 4.49
C GLU B 218 -3.14 38.98 4.11
I IOD C . -6.37 -19.47 -2.16
C1 GOL D . 8.43 10.61 -16.67
O1 GOL D . 8.88 9.44 -15.97
C2 GOL D . 7.47 10.26 -17.80
O2 GOL D . 6.14 10.58 -17.42
C3 GOL D . 7.80 10.96 -19.10
O3 GOL D . 7.67 10.09 -20.21
C1 GOL E . 4.00 -28.14 -10.08
O1 GOL E . 2.61 -28.48 -10.13
C2 GOL E . 4.69 -28.48 -11.39
O2 GOL E . 4.26 -27.59 -12.41
C3 GOL E . 6.21 -28.49 -11.29
O3 GOL E . 6.69 -27.79 -10.14
I IOD F . -2.64 -4.09 9.21
#